data_6KUN
#
_entry.id   6KUN
#
_cell.length_a   75.247
_cell.length_b   78.304
_cell.length_c   94.003
_cell.angle_alpha   90.000
_cell.angle_beta   90.000
_cell.angle_gamma   90.000
#
_symmetry.space_group_name_H-M   'P 21 21 21'
#
loop_
_entity.id
_entity.type
_entity.pdbx_description
1 polymer '2-oxoglutarate-dependent dioxygenase DAO'
2 non-polymer '2-OXOGLUTARIC ACID'
3 non-polymer '1H-INDOL-3-YLACETIC ACID'
4 non-polymer GLYCEROL
5 water water
#
_entity_poly.entity_id   1
_entity_poly.type   'polypeptide(L)'
_entity_poly.pdbx_seq_one_letter_code
;MVEIPAIDLRLAGGGGGAEETARLRDACARLGCFRVSGHGVPPGLQAEMKAAVRALFDLPDDAKRRNADIIPGSGYVPPG
TANPLYEAFGLCDAAAPADVDAFCARLDAPPHVRETVKAYAERMHSLIVDVAGKVAASLGLHGASFQDWPCQFRMNRYNY
TQDSVGSPGVQVHTDSGFLTVLQEDECVGGLEVLDPAAGEFVPVDPLPGSFVVNVGDVGQAWSNGRLHNVKHRVQCVAAV
PRVSIAMFLLAPKDDTVSAPGELVDGEHPRRYREFKYDDYRRLRLSTGERAGEALARLAA
;
_entity_poly.pdbx_strand_id   A,B
#
# COMPACT_ATOMS: atom_id res chain seq x y z
N GLU A 3 -1.05 -14.05 34.97
CA GLU A 3 -2.22 -13.42 34.40
C GLU A 3 -2.23 -13.57 32.87
N ILE A 4 -1.26 -13.01 32.17
CA ILE A 4 -1.20 -13.22 30.71
C ILE A 4 -0.73 -14.64 30.44
N PRO A 5 -1.46 -15.43 29.64
CA PRO A 5 -1.11 -16.84 29.48
C PRO A 5 0.25 -17.01 28.84
N ALA A 6 0.98 -18.01 29.34
CA ALA A 6 2.28 -18.42 28.80
C ALA A 6 2.08 -19.71 28.02
N ILE A 7 2.54 -19.72 26.77
CA ILE A 7 2.38 -20.85 25.86
C ILE A 7 3.76 -21.39 25.53
N ASP A 8 3.96 -22.67 25.76
CA ASP A 8 5.21 -23.33 25.40
C ASP A 8 5.07 -23.89 23.98
N LEU A 9 5.85 -23.32 23.08
CA LEU A 9 5.67 -23.59 21.66
C LEU A 9 6.21 -24.95 21.26
N ARG A 10 7.22 -25.47 21.98
CA ARG A 10 7.68 -26.81 21.68
C ARG A 10 6.60 -27.83 22.05
N LEU A 11 5.91 -27.59 23.16
CA LEU A 11 4.84 -28.47 23.66
C LEU A 11 3.60 -28.43 22.76
N ALA A 12 3.15 -27.23 22.36
CA ALA A 12 1.97 -27.10 21.53
C ALA A 12 2.08 -27.96 20.27
N GLY A 13 0.98 -28.58 19.89
CA GLY A 13 0.92 -29.60 18.85
C GLY A 13 -0.25 -30.56 19.13
N GLY A 14 0.03 -31.86 18.96
CA GLY A 14 -1.01 -32.86 19.10
C GLY A 14 -0.98 -33.63 20.41
N GLY A 15 -2.09 -34.35 20.68
CA GLY A 15 -2.20 -35.19 21.86
C GLY A 15 -1.65 -34.42 23.03
N GLY A 16 -0.66 -34.90 23.70
CA GLY A 16 -0.01 -34.12 24.77
C GLY A 16 0.15 -32.64 24.53
N GLY A 17 0.31 -32.23 23.26
CA GLY A 17 0.26 -30.82 22.92
C GLY A 17 -1.12 -30.21 22.79
N ALA A 18 -2.15 -31.07 22.81
CA ALA A 18 -3.52 -30.61 22.53
C ALA A 18 -3.98 -29.58 23.55
N GLU A 19 -3.70 -29.84 24.82
CA GLU A 19 -4.08 -28.90 25.87
C GLU A 19 -3.40 -27.54 25.65
N GLU A 20 -2.12 -27.55 25.29
CA GLU A 20 -1.39 -26.28 25.12
C GLU A 20 -1.87 -25.53 23.89
N THR A 21 -2.24 -26.24 22.83
CA THR A 21 -2.84 -25.59 21.66
C THR A 21 -4.20 -24.98 22.01
N ALA A 22 -5.03 -25.68 22.77
CA ALA A 22 -6.29 -25.08 23.21
C ALA A 22 -6.03 -23.86 24.10
N ARG A 23 -4.99 -23.91 24.93
CA ARG A 23 -4.63 -22.74 25.71
C ARG A 23 -4.22 -21.60 24.79
N LEU A 24 -3.51 -21.91 23.68
CA LEU A 24 -3.09 -20.88 22.75
C LEU A 24 -4.30 -20.20 22.14
N ARG A 25 -5.27 -21.01 21.68
CA ARG A 25 -6.45 -20.46 21.03
C ARG A 25 -7.26 -19.63 22.00
N ASP A 26 -7.36 -20.10 23.24
CA ASP A 26 -8.14 -19.39 24.25
C ASP A 26 -7.53 -18.04 24.58
N ALA A 27 -6.22 -17.97 24.65
CA ALA A 27 -5.55 -16.68 24.86
C ALA A 27 -5.75 -15.74 23.67
N CYS A 28 -5.67 -16.27 22.45
CA CYS A 28 -5.92 -15.43 21.29
C CYS A 28 -7.36 -14.96 21.27
N ALA A 29 -8.29 -15.81 21.67
CA ALA A 29 -9.71 -15.49 21.59
C ALA A 29 -10.17 -14.54 22.67
N ARG A 30 -9.75 -14.76 23.91
CA ARG A 30 -10.23 -13.97 25.04
C ARG A 30 -9.44 -12.70 25.24
N LEU A 31 -8.13 -12.73 25.05
CA LEU A 31 -7.26 -11.59 25.33
C LEU A 31 -6.50 -11.04 24.11
N GLY A 32 -6.12 -11.86 23.13
CA GLY A 32 -5.32 -11.40 21.99
C GLY A 32 -3.85 -11.24 22.29
N CYS A 33 -3.38 -11.72 23.43
CA CYS A 33 -2.03 -11.56 23.89
C CYS A 33 -1.59 -12.81 24.63
N PHE A 34 -0.35 -13.21 24.40
CA PHE A 34 0.21 -14.28 25.21
C PHE A 34 1.72 -14.19 25.18
N ARG A 35 2.34 -14.84 26.17
CA ARG A 35 3.78 -15.03 26.19
C ARG A 35 4.16 -16.34 25.52
N VAL A 36 5.32 -16.35 24.83
CA VAL A 36 5.85 -17.58 24.26
C VAL A 36 7.19 -17.91 24.90
N SER A 37 7.27 -19.16 25.40
CA SER A 37 8.49 -19.86 25.77
C SER A 37 8.71 -20.97 24.75
N GLY A 38 9.81 -21.71 24.92
CA GLY A 38 10.08 -22.80 23.99
C GLY A 38 10.27 -22.36 22.56
N HIS A 39 10.76 -21.13 22.36
CA HIS A 39 10.82 -20.53 21.04
C HIS A 39 12.10 -20.87 20.31
N GLY A 40 13.09 -21.40 21.01
CA GLY A 40 14.25 -21.88 20.33
C GLY A 40 15.27 -20.82 19.99
N VAL A 41 15.01 -19.55 20.27
CA VAL A 41 16.00 -18.50 20.00
C VAL A 41 17.07 -18.61 21.07
N PRO A 42 18.34 -18.81 20.72
CA PRO A 42 19.39 -19.10 21.75
C PRO A 42 19.69 -17.90 22.63
N PRO A 43 19.94 -18.14 23.92
CA PRO A 43 20.24 -17.02 24.83
C PRO A 43 21.46 -16.23 24.40
N GLY A 44 22.46 -16.91 23.83
CA GLY A 44 23.62 -16.20 23.34
C GLY A 44 23.27 -15.18 22.26
N LEU A 45 22.40 -15.55 21.31
CA LEU A 45 21.99 -14.61 20.28
C LEU A 45 21.18 -13.48 20.88
N GLN A 46 20.31 -13.79 21.84
CA GLN A 46 19.54 -12.72 22.51
C GLN A 46 20.46 -11.73 23.21
N ALA A 47 21.52 -12.22 23.85
CA ALA A 47 22.40 -11.30 24.56
C ALA A 47 23.19 -10.44 23.59
N GLU A 48 23.66 -11.03 22.50
CA GLU A 48 24.33 -10.27 21.44
C GLU A 48 23.39 -9.21 20.86
N MET A 49 22.11 -9.55 20.68
CA MET A 49 21.21 -8.58 20.06
C MET A 49 20.94 -7.41 21.00
N LYS A 50 20.69 -7.67 22.27
CA LYS A 50 20.54 -6.61 23.25
C LYS A 50 21.68 -5.61 23.15
N ALA A 51 22.91 -6.09 23.21
CA ALA A 51 24.08 -5.23 23.06
C ALA A 51 24.08 -4.49 21.71
N ALA A 52 23.79 -5.21 20.63
CA ALA A 52 23.87 -4.59 19.31
C ALA A 52 22.80 -3.50 19.14
N VAL A 53 21.60 -3.71 19.67
CA VAL A 53 20.58 -2.68 19.53
C VAL A 53 20.96 -1.44 20.35
N ARG A 54 21.49 -1.63 21.54
CA ARG A 54 21.99 -0.50 22.31
C ARG A 54 23.15 0.19 21.62
N ALA A 55 24.07 -0.56 21.00
CA ALA A 55 25.11 0.07 20.19
C ALA A 55 24.50 0.96 19.13
N LEU A 56 23.50 0.47 18.41
CA LEU A 56 22.91 1.25 17.34
C LEU A 56 22.33 2.56 17.83
N PHE A 57 21.59 2.52 18.95
CA PHE A 57 20.96 3.74 19.46
C PHE A 57 21.97 4.66 20.16
N ASP A 58 23.10 4.11 20.59
CA ASP A 58 24.18 4.90 21.16
C ASP A 58 25.10 5.48 20.08
N LEU A 59 24.76 5.29 18.83
CA LEU A 59 25.53 5.87 17.74
C LEU A 59 25.40 7.39 17.78
N PRO A 60 26.45 8.12 17.39
CA PRO A 60 26.32 9.57 17.24
C PRO A 60 25.16 9.91 16.34
N ASP A 61 24.49 11.03 16.64
CA ASP A 61 23.32 11.42 15.86
C ASP A 61 23.63 11.39 14.37
N ASP A 62 24.83 11.79 13.96
CA ASP A 62 25.09 11.87 12.53
C ASP A 62 25.13 10.49 11.89
N ALA A 63 25.74 9.50 12.55
CA ALA A 63 25.66 8.13 12.02
C ALA A 63 24.21 7.64 11.96
N LYS A 64 23.45 7.82 13.05
CA LYS A 64 22.03 7.44 13.00
C LYS A 64 21.34 8.05 11.80
N ARG A 65 21.68 9.29 11.46
CA ARG A 65 20.98 9.92 10.34
C ARG A 65 21.48 9.40 8.99
N ARG A 66 22.74 8.98 8.88
CA ARG A 66 23.15 8.25 7.69
C ARG A 66 22.43 6.90 7.54
N ASN A 67 21.76 6.44 8.58
CA ASN A 67 21.01 5.18 8.49
C ASN A 67 19.56 5.36 8.11
N ALA A 68 19.15 6.58 7.76
CA ALA A 68 17.79 6.81 7.29
C ALA A 68 17.67 6.49 5.81
N ASP A 69 16.58 5.83 5.42
CA ASP A 69 16.27 5.49 4.04
C ASP A 69 17.40 4.72 3.35
N ILE A 70 17.92 3.69 4.03
CA ILE A 70 19.04 2.97 3.44
C ILE A 70 18.55 1.93 2.48
N ILE A 71 17.31 1.46 2.65
CA ILE A 71 16.55 0.84 1.57
C ILE A 71 15.20 1.54 1.50
N PRO A 72 14.51 1.45 0.37
CA PRO A 72 13.34 2.33 0.15
C PRO A 72 12.33 2.16 1.26
N GLY A 73 12.06 3.27 1.97
CA GLY A 73 11.10 3.31 3.07
C GLY A 73 11.60 2.85 4.42
N SER A 74 12.85 2.42 4.54
CA SER A 74 13.27 1.78 5.78
C SER A 74 14.60 2.32 6.25
N GLY A 75 14.83 2.20 7.55
CA GLY A 75 15.98 2.74 8.19
C GLY A 75 15.67 3.45 9.47
N TYR A 76 16.55 4.36 9.83
CA TYR A 76 16.42 5.10 11.08
C TYR A 76 15.29 6.12 10.94
N VAL A 77 14.54 6.28 12.02
CA VAL A 77 13.38 7.18 12.08
C VAL A 77 13.59 8.06 13.30
N PRO A 78 13.88 9.35 13.14
CA PRO A 78 14.18 10.19 14.30
C PRO A 78 12.90 10.59 15.01
N PRO A 79 12.99 11.11 16.24
CA PRO A 79 11.84 11.68 16.95
C PRO A 79 11.30 12.94 16.30
N PRO A 84 7.91 11.47 20.11
CA PRO A 84 8.83 12.58 20.42
C PRO A 84 9.95 12.21 21.39
N LEU A 85 9.71 11.28 22.30
CA LEU A 85 10.80 10.60 22.98
C LEU A 85 11.20 9.32 22.25
N TYR A 86 10.63 9.10 21.06
CA TYR A 86 10.73 7.86 20.32
C TYR A 86 11.73 7.97 19.18
N GLU A 87 12.59 6.96 19.04
CA GLU A 87 13.42 6.78 17.85
C GLU A 87 13.46 5.29 17.55
N ALA A 88 13.69 4.96 16.27
CA ALA A 88 13.56 3.58 15.84
C ALA A 88 14.37 3.34 14.56
N PHE A 89 14.67 2.06 14.34
CA PHE A 89 15.11 1.52 13.06
C PHE A 89 14.01 0.58 12.59
N GLY A 90 13.50 0.80 11.37
CA GLY A 90 12.50 -0.06 10.78
C GLY A 90 12.98 -0.70 9.50
N LEU A 91 12.55 -1.95 9.30
CA LEU A 91 12.95 -2.75 8.14
C LEU A 91 11.73 -3.42 7.54
N CYS A 92 11.40 -3.02 6.33
CA CYS A 92 10.37 -3.62 5.46
C CYS A 92 11.02 -3.88 4.10
N ASP A 93 10.83 -5.07 3.52
CA ASP A 93 10.03 -6.21 4.01
C ASP A 93 10.95 -7.25 4.68
N ALA A 94 10.77 -7.43 6.01
CA ALA A 94 11.67 -8.30 6.77
C ALA A 94 11.51 -9.78 6.45
N ALA A 95 10.47 -10.16 5.68
CA ALA A 95 10.35 -11.52 5.19
C ALA A 95 11.06 -11.74 3.86
N ALA A 96 11.60 -10.70 3.26
CA ALA A 96 12.23 -10.75 1.95
C ALA A 96 13.74 -10.81 2.17
N PRO A 97 14.40 -11.93 1.87
CA PRO A 97 15.84 -12.01 2.17
C PRO A 97 16.67 -10.93 1.49
N ALA A 98 16.25 -10.43 0.32
CA ALA A 98 17.04 -9.41 -0.37
C ALA A 98 16.91 -8.07 0.33
N ASP A 99 15.78 -7.79 0.97
CA ASP A 99 15.62 -6.57 1.75
C ASP A 99 16.40 -6.64 3.07
N VAL A 100 16.38 -7.80 3.72
CA VAL A 100 17.10 -7.97 4.97
C VAL A 100 18.61 -7.85 4.72
N ASP A 101 19.10 -8.50 3.67
CA ASP A 101 20.51 -8.44 3.34
C ASP A 101 20.97 -7.01 3.04
N ALA A 102 20.19 -6.28 2.23
CA ALA A 102 20.60 -4.93 1.84
C ALA A 102 20.52 -3.97 2.99
N PHE A 103 19.50 -4.14 3.84
CA PHE A 103 19.40 -3.29 5.01
C PHE A 103 20.64 -3.45 5.89
N CYS A 104 20.99 -4.69 6.20
CA CYS A 104 22.10 -4.94 7.10
C CYS A 104 23.44 -4.58 6.45
N ALA A 105 23.55 -4.76 5.14
CA ALA A 105 24.79 -4.39 4.46
C ALA A 105 24.97 -2.89 4.42
N ARG A 106 23.85 -2.17 4.44
CA ARG A 106 23.87 -0.72 4.29
C ARG A 106 23.94 0.05 5.60
N LEU A 107 23.67 -0.61 6.73
CA LEU A 107 23.76 0.04 8.01
C LEU A 107 25.12 0.63 8.25
N ASP A 108 25.17 1.88 8.69
CA ASP A 108 26.45 2.48 9.12
C ASP A 108 26.63 2.04 10.57
N ALA A 109 27.39 0.97 10.77
CA ALA A 109 27.57 0.34 12.07
C ALA A 109 28.75 -0.62 11.96
N PRO A 110 29.26 -1.16 13.06
CA PRO A 110 30.36 -2.11 13.00
C PRO A 110 29.89 -3.44 12.43
N PRO A 111 30.73 -4.12 11.61
CA PRO A 111 30.30 -5.38 11.00
C PRO A 111 29.70 -6.38 11.99
N HIS A 112 30.23 -6.50 13.22
CA HIS A 112 29.65 -7.49 14.11
C HIS A 112 28.22 -7.10 14.47
N VAL A 113 27.92 -5.78 14.50
CA VAL A 113 26.56 -5.35 14.81
C VAL A 113 25.61 -5.70 13.67
N ARG A 114 26.01 -5.33 12.43
CA ARG A 114 25.21 -5.64 11.25
C ARG A 114 24.89 -7.13 11.13
N GLU A 115 25.86 -7.99 11.44
CA GLU A 115 25.62 -9.42 11.33
C GLU A 115 24.66 -9.92 12.42
N THR A 116 24.76 -9.37 13.65
CA THR A 116 23.84 -9.77 14.72
C THR A 116 22.39 -9.36 14.39
N VAL A 117 22.21 -8.12 13.94
CA VAL A 117 20.88 -7.69 13.53
C VAL A 117 20.34 -8.61 12.45
N LYS A 118 21.19 -8.97 11.48
CA LYS A 118 20.73 -9.80 10.39
C LYS A 118 20.27 -11.15 10.92
N ALA A 119 21.07 -11.77 11.80
CA ALA A 119 20.71 -13.09 12.35
C ALA A 119 19.44 -13.01 13.17
N TYR A 120 19.29 -11.94 13.95
CA TYR A 120 18.13 -11.82 14.79
C TYR A 120 16.86 -11.55 14.00
N ALA A 121 16.90 -10.68 13.01
CA ALA A 121 15.71 -10.47 12.20
C ALA A 121 15.29 -11.76 11.49
N GLU A 122 16.27 -12.54 11.03
CA GLU A 122 15.98 -13.80 10.36
C GLU A 122 15.35 -14.78 11.34
N ARG A 123 15.90 -14.85 12.56
CA ARG A 123 15.36 -15.78 13.56
C ARG A 123 13.99 -15.33 14.02
N MET A 124 13.75 -14.02 14.18
CA MET A 124 12.42 -13.54 14.52
C MET A 124 11.40 -13.83 13.42
N HIS A 125 11.81 -13.73 12.16
CA HIS A 125 10.89 -14.06 11.07
C HIS A 125 10.45 -15.52 11.16
N SER A 126 11.42 -16.44 11.30
CA SER A 126 11.07 -17.86 11.44
C SER A 126 10.16 -18.09 12.65
N LEU A 127 10.41 -17.38 13.75
CA LEU A 127 9.57 -17.54 14.93
C LEU A 127 8.12 -17.09 14.66
N ILE A 128 7.94 -15.90 14.07
CA ILE A 128 6.57 -15.42 13.89
C ILE A 128 5.85 -16.27 12.87
N VAL A 129 6.55 -16.84 11.89
CA VAL A 129 5.89 -17.75 10.95
C VAL A 129 5.46 -19.01 11.68
N ASP A 130 6.30 -19.50 12.60
CA ASP A 130 5.98 -20.70 13.38
C ASP A 130 4.81 -20.44 14.31
N VAL A 131 4.79 -19.29 14.97
CA VAL A 131 3.64 -18.92 15.79
C VAL A 131 2.36 -18.82 14.94
N ALA A 132 2.40 -18.08 13.82
CA ALA A 132 1.21 -17.95 12.98
C ALA A 132 0.69 -19.32 12.57
N GLY A 133 1.58 -20.26 12.24
CA GLY A 133 1.17 -21.60 11.87
C GLY A 133 0.49 -22.36 13.00
N LYS A 134 1.01 -22.24 14.21
CA LYS A 134 0.36 -22.89 15.36
C LYS A 134 -0.98 -22.25 15.68
N VAL A 135 -1.10 -20.92 15.55
CA VAL A 135 -2.40 -20.28 15.71
C VAL A 135 -3.40 -20.81 14.70
N ALA A 136 -3.00 -20.83 13.41
CA ALA A 136 -3.87 -21.33 12.37
C ALA A 136 -4.30 -22.76 12.64
N ALA A 137 -3.39 -23.59 13.16
CA ALA A 137 -3.76 -24.97 13.46
C ALA A 137 -4.73 -25.09 14.64
N SER A 138 -4.63 -24.21 15.63
CA SER A 138 -5.60 -24.21 16.72
C SER A 138 -7.03 -23.88 16.27
N LEU A 139 -7.20 -23.32 15.08
CA LEU A 139 -8.50 -23.09 14.47
C LEU A 139 -8.86 -24.18 13.48
N GLY A 140 -8.10 -25.28 13.46
CA GLY A 140 -8.33 -26.40 12.58
C GLY A 140 -7.80 -26.23 11.18
N LEU A 141 -6.99 -25.21 10.92
CA LEU A 141 -6.53 -24.88 9.58
C LEU A 141 -5.11 -25.43 9.36
N HIS A 142 -4.98 -26.26 8.34
CA HIS A 142 -3.68 -26.77 7.91
C HIS A 142 -3.50 -26.39 6.45
N GLY A 143 -2.28 -26.56 5.98
CA GLY A 143 -1.92 -26.10 4.64
C GLY A 143 -1.63 -24.62 4.51
N ALA A 144 -1.94 -23.80 5.52
CA ALA A 144 -1.65 -22.38 5.42
C ALA A 144 -0.15 -22.16 5.60
N SER A 145 0.48 -21.45 4.64
CA SER A 145 1.86 -21.03 4.81
C SER A 145 1.95 -19.51 4.94
N PHE A 146 2.62 -19.05 5.99
CA PHE A 146 2.80 -17.64 6.25
C PHE A 146 4.19 -17.17 5.88
N GLN A 147 5.01 -18.06 5.31
CA GLN A 147 6.42 -17.80 5.06
C GLN A 147 6.66 -16.57 4.19
N ASP A 148 5.76 -16.23 3.27
CA ASP A 148 6.05 -15.14 2.36
C ASP A 148 5.17 -13.94 2.63
N TRP A 149 4.43 -13.97 3.70
CA TRP A 149 3.68 -12.78 4.09
C TRP A 149 4.67 -11.68 4.43
N PRO A 150 4.48 -10.46 3.92
CA PRO A 150 5.35 -9.35 4.31
C PRO A 150 5.34 -9.09 5.80
N CYS A 151 6.52 -8.66 6.27
CA CYS A 151 6.73 -8.33 7.68
C CYS A 151 7.49 -7.01 7.82
N GLN A 152 7.27 -6.40 8.97
CA GLN A 152 8.01 -5.22 9.39
C GLN A 152 8.76 -5.53 10.68
N PHE A 153 10.08 -5.44 10.60
CA PHE A 153 10.98 -5.59 11.75
C PHE A 153 11.30 -4.21 12.33
N ARG A 154 11.19 -4.07 13.63
CA ARG A 154 11.47 -2.77 14.21
C ARG A 154 12.28 -2.83 15.47
N MET A 155 13.21 -1.92 15.60
CA MET A 155 14.00 -1.73 16.82
C MET A 155 13.65 -0.34 17.32
N ASN A 156 13.25 -0.22 18.59
CA ASN A 156 12.88 1.10 19.07
C ASN A 156 13.53 1.43 20.41
N ARG A 157 13.62 2.73 20.68
CA ARG A 157 14.06 3.24 21.97
C ARG A 157 13.17 4.41 22.38
N TYR A 158 12.70 4.39 23.63
CA TYR A 158 11.91 5.48 24.21
C TYR A 158 12.80 6.18 25.24
N ASN A 159 13.07 7.46 25.00
CA ASN A 159 14.07 8.20 25.77
C ASN A 159 13.41 8.85 26.98
N TYR A 160 12.99 7.99 27.89
CA TYR A 160 12.34 8.45 29.11
C TYR A 160 13.28 9.31 29.95
N THR A 161 12.68 10.26 30.67
CA THR A 161 13.34 11.14 31.62
C THR A 161 12.55 11.07 32.92
N GLN A 162 12.97 11.83 33.92
CA GLN A 162 12.21 11.84 35.18
C GLN A 162 10.82 12.40 34.98
N ASP A 163 10.66 13.34 34.05
CA ASP A 163 9.37 14.00 33.83
C ASP A 163 8.32 13.04 33.27
N SER A 164 8.73 12.12 32.40
CA SER A 164 7.78 11.26 31.72
C SER A 164 7.31 10.07 32.54
N VAL A 165 7.89 9.84 33.73
CA VAL A 165 7.40 8.75 34.57
C VAL A 165 5.94 9.00 34.93
N GLY A 166 5.12 7.94 34.85
CA GLY A 166 3.70 8.02 35.08
C GLY A 166 2.85 8.23 33.84
N SER A 167 3.40 8.87 32.80
CA SER A 167 2.59 9.11 31.62
C SER A 167 2.59 7.88 30.71
N PRO A 168 1.44 7.53 30.12
CA PRO A 168 1.46 6.50 29.06
C PRO A 168 2.45 6.85 27.97
N GLY A 169 3.58 6.13 27.92
CA GLY A 169 4.62 6.33 26.93
C GLY A 169 4.27 5.89 25.53
N VAL A 170 3.10 5.29 25.33
CA VAL A 170 2.55 5.05 24.00
C VAL A 170 1.03 4.99 24.17
N GLN A 171 0.30 5.76 23.36
CA GLN A 171 -1.16 5.82 23.43
C GLN A 171 -1.79 4.53 22.92
N VAL A 172 -3.08 4.35 23.26
CA VAL A 172 -3.77 3.08 23.08
C VAL A 172 -4.11 2.86 21.60
N HIS A 173 -3.74 1.71 21.08
CA HIS A 173 -3.94 1.40 19.68
C HIS A 173 -3.90 -0.10 19.52
N THR A 174 -4.35 -0.57 18.38
CA THR A 174 -4.09 -1.94 17.97
C THR A 174 -3.06 -1.90 16.85
N ASP A 175 -2.43 -3.03 16.64
CA ASP A 175 -1.60 -3.24 15.47
C ASP A 175 -2.51 -3.55 14.30
N SER A 176 -2.28 -2.90 13.21
CA SER A 176 -3.07 -3.11 12.01
C SER A 176 -3.00 -4.52 11.43
N GLY A 177 -1.85 -5.17 11.59
CA GLY A 177 -1.54 -6.43 10.91
C GLY A 177 -2.06 -7.67 11.61
N PHE A 178 -1.47 -8.81 11.26
CA PHE A 178 -1.97 -10.13 11.70
C PHE A 178 -1.55 -10.48 13.11
N LEU A 179 -0.23 -10.60 13.31
CA LEU A 179 0.36 -10.94 14.59
C LEU A 179 1.66 -10.20 14.76
N THR A 180 2.01 -9.94 16.01
CA THR A 180 3.23 -9.26 16.36
C THR A 180 3.97 -10.01 17.44
N VAL A 181 5.29 -10.16 17.25
CA VAL A 181 6.10 -10.78 18.28
C VAL A 181 7.03 -9.69 18.81
N LEU A 182 7.03 -9.51 20.13
CA LEU A 182 7.73 -8.42 20.80
C LEU A 182 8.75 -9.01 21.77
N GLN A 183 9.94 -8.41 21.81
CA GLN A 183 10.91 -8.65 22.89
C GLN A 183 11.05 -7.33 23.62
N GLU A 184 10.58 -7.27 24.86
CA GLU A 184 10.57 -6.08 25.70
C GLU A 184 11.90 -5.96 26.46
N ASP A 185 12.23 -4.72 26.80
CA ASP A 185 13.33 -4.46 27.73
C ASP A 185 13.11 -5.22 29.03
N GLU A 186 14.09 -6.03 29.43
CA GLU A 186 13.98 -6.78 30.68
C GLU A 186 13.85 -5.86 31.88
N CYS A 187 14.47 -4.69 31.84
CA CYS A 187 14.59 -3.84 33.01
C CYS A 187 13.54 -2.75 33.10
N VAL A 188 12.83 -2.49 32.00
CA VAL A 188 11.79 -1.47 31.98
C VAL A 188 10.58 -1.94 31.18
N GLY A 189 9.59 -2.48 31.89
CA GLY A 189 8.38 -2.97 31.25
C GLY A 189 7.24 -1.98 31.39
N GLY A 190 6.56 -1.70 30.29
CA GLY A 190 5.45 -0.76 30.28
C GLY A 190 4.29 -1.28 29.47
N LEU A 191 4.50 -2.41 28.81
CA LEU A 191 3.47 -3.01 27.98
C LEU A 191 2.22 -3.34 28.80
N GLU A 192 1.09 -2.73 28.43
CA GLU A 192 -0.16 -2.95 29.12
C GLU A 192 -1.14 -3.25 28.00
N VAL A 193 -1.97 -4.27 28.21
CA VAL A 193 -2.98 -4.66 27.23
C VAL A 193 -4.33 -4.55 27.91
N LEU A 194 -5.32 -4.07 27.15
CA LEU A 194 -6.69 -3.92 27.62
C LEU A 194 -7.32 -5.31 27.60
N ASP A 195 -7.59 -5.83 28.77
CA ASP A 195 -8.31 -7.08 28.93
C ASP A 195 -9.75 -6.89 28.50
N PRO A 196 -10.18 -7.46 27.38
CA PRO A 196 -11.56 -7.18 26.91
C PRO A 196 -12.65 -7.72 27.82
N ALA A 197 -12.31 -8.58 28.78
CA ALA A 197 -13.31 -9.16 29.67
C ALA A 197 -13.60 -8.29 30.88
N ALA A 198 -12.63 -7.51 31.36
CA ALA A 198 -12.86 -6.57 32.46
C ALA A 198 -12.86 -5.11 32.02
N GLY A 199 -12.37 -4.80 30.83
CA GLY A 199 -12.22 -3.41 30.44
C GLY A 199 -11.12 -2.68 31.17
N GLU A 200 -10.14 -3.41 31.71
CA GLU A 200 -9.07 -2.86 32.52
C GLU A 200 -7.71 -3.19 31.90
N PHE A 201 -6.77 -2.26 32.02
CA PHE A 201 -5.41 -2.51 31.56
C PHE A 201 -4.67 -3.45 32.49
N VAL A 202 -3.97 -4.39 31.89
CA VAL A 202 -3.23 -5.44 32.57
C VAL A 202 -1.75 -5.27 32.21
N PRO A 203 -0.85 -5.13 33.18
CA PRO A 203 0.57 -5.01 32.82
C PRO A 203 1.07 -6.31 32.25
N VAL A 204 1.89 -6.19 31.21
CA VAL A 204 2.62 -7.36 30.69
C VAL A 204 4.04 -7.20 31.25
N ASP A 205 4.27 -7.65 32.47
CA ASP A 205 5.56 -7.45 33.11
C ASP A 205 6.64 -8.18 32.29
N PRO A 206 7.85 -7.64 32.23
CA PRO A 206 8.90 -8.30 31.44
C PRO A 206 9.27 -9.64 32.05
N LEU A 207 9.55 -10.62 31.18
CA LEU A 207 9.96 -11.95 31.61
C LEU A 207 11.13 -12.45 30.77
N PRO A 208 12.35 -12.44 31.32
CA PRO A 208 13.54 -12.55 30.46
C PRO A 208 13.53 -13.78 29.59
N GLY A 209 14.01 -13.62 28.34
CA GLY A 209 14.14 -14.75 27.45
C GLY A 209 12.84 -15.24 26.81
N SER A 210 11.69 -14.71 27.22
CA SER A 210 10.43 -15.01 26.54
C SER A 210 10.01 -13.84 25.65
N PHE A 211 9.08 -14.10 24.75
CA PHE A 211 8.57 -13.10 23.83
C PHE A 211 7.08 -12.89 24.13
N VAL A 212 6.56 -11.72 23.76
CA VAL A 212 5.11 -11.49 23.82
C VAL A 212 4.53 -11.51 22.42
N VAL A 213 3.34 -12.09 22.26
CA VAL A 213 2.64 -12.14 20.98
C VAL A 213 1.33 -11.36 21.09
N ASN A 214 1.09 -10.44 20.18
CA ASN A 214 -0.17 -9.68 20.13
C ASN A 214 -0.87 -9.97 18.80
N VAL A 215 -2.21 -10.12 18.87
CA VAL A 215 -3.06 -10.25 17.70
C VAL A 215 -3.46 -8.86 17.24
N GLY A 216 -3.39 -8.61 15.92
CA GLY A 216 -3.75 -7.34 15.34
C GLY A 216 -5.05 -7.36 14.55
N ASP A 217 -5.34 -6.22 13.89
CA ASP A 217 -6.64 -6.05 13.23
C ASP A 217 -6.83 -7.11 12.14
N VAL A 218 -5.78 -7.35 11.34
CA VAL A 218 -5.90 -8.39 10.32
C VAL A 218 -6.11 -9.76 10.94
N GLY A 219 -5.55 -10.00 12.12
CA GLY A 219 -5.86 -11.25 12.80
C GLY A 219 -7.35 -11.43 13.07
N GLN A 220 -7.97 -10.39 13.61
CA GLN A 220 -9.41 -10.40 13.88
C GLN A 220 -10.21 -10.64 12.62
N ALA A 221 -9.79 -10.06 11.50
CA ALA A 221 -10.56 -10.16 10.27
C ALA A 221 -10.33 -11.49 9.58
N TRP A 222 -9.09 -11.91 9.46
CA TRP A 222 -8.77 -13.21 8.88
C TRP A 222 -9.39 -14.35 9.68
N SER A 223 -9.50 -14.21 10.98
CA SER A 223 -10.02 -15.29 11.79
C SER A 223 -11.54 -15.29 11.84
N ASN A 224 -12.17 -14.39 11.09
CA ASN A 224 -13.61 -14.16 11.10
C ASN A 224 -14.10 -13.85 12.50
N GLY A 225 -13.41 -12.95 13.18
CA GLY A 225 -13.81 -12.56 14.51
C GLY A 225 -13.34 -13.45 15.64
N ARG A 226 -12.68 -14.56 15.37
CA ARG A 226 -12.37 -15.49 16.45
C ARG A 226 -11.17 -15.08 17.30
N LEU A 227 -10.23 -14.36 16.74
CA LEU A 227 -9.03 -13.92 17.46
C LEU A 227 -9.15 -12.44 17.76
N HIS A 228 -8.88 -12.04 19.01
CA HIS A 228 -9.12 -10.68 19.44
C HIS A 228 -7.97 -9.75 19.11
N ASN A 229 -8.29 -8.65 18.41
CA ASN A 229 -7.27 -7.63 18.12
C ASN A 229 -7.06 -6.75 19.34
N VAL A 230 -5.93 -6.94 20.01
CA VAL A 230 -5.77 -6.47 21.38
C VAL A 230 -5.36 -5.00 21.38
N LYS A 231 -6.04 -4.23 22.20
CA LYS A 231 -5.66 -2.85 22.45
C LYS A 231 -4.55 -2.78 23.46
N HIS A 232 -3.55 -1.93 23.20
CA HIS A 232 -2.40 -1.90 24.10
C HIS A 232 -1.76 -0.52 24.09
N ARG A 233 -0.94 -0.29 25.12
CA ARG A 233 -0.22 0.97 25.31
C ARG A 233 1.07 0.69 26.07
N VAL A 234 1.92 1.71 26.17
CA VAL A 234 3.16 1.56 26.97
C VAL A 234 3.20 2.72 27.96
N GLN A 235 3.10 2.40 29.25
CA GLN A 235 3.28 3.41 30.29
C GLN A 235 4.76 3.60 30.57
N CYS A 236 5.18 4.84 30.77
CA CYS A 236 6.54 5.10 31.24
C CYS A 236 6.57 4.83 32.74
N VAL A 237 7.35 3.84 33.15
CA VAL A 237 7.35 3.40 34.53
C VAL A 237 8.69 3.63 35.22
N ALA A 238 9.71 4.09 34.50
CA ALA A 238 10.95 4.53 35.10
C ALA A 238 11.60 5.59 34.22
N ALA A 239 12.59 6.28 34.79
CA ALA A 239 13.28 7.34 34.09
C ALA A 239 14.43 6.82 33.23
N VAL A 240 14.35 5.59 32.75
CA VAL A 240 15.45 5.01 31.99
C VAL A 240 15.00 4.74 30.57
N PRO A 241 15.86 4.89 29.57
CA PRO A 241 15.43 4.59 28.20
C PRO A 241 14.98 3.14 28.09
N ARG A 242 13.84 2.95 27.44
CA ARG A 242 13.28 1.62 27.19
C ARG A 242 13.59 1.21 25.74
N VAL A 243 14.18 0.04 25.58
CA VAL A 243 14.55 -0.49 24.27
C VAL A 243 13.77 -1.78 24.02
N SER A 244 13.26 -1.93 22.79
CA SER A 244 12.46 -3.09 22.49
C SER A 244 12.59 -3.43 21.02
N ILE A 245 12.24 -4.67 20.70
CA ILE A 245 12.34 -5.18 19.34
C ILE A 245 11.02 -5.85 19.00
N ALA A 246 10.54 -5.64 17.79
CA ALA A 246 9.26 -6.21 17.36
C ALA A 246 9.31 -6.67 15.91
N MET A 247 8.66 -7.80 15.64
CA MET A 247 8.48 -8.32 14.29
C MET A 247 6.97 -8.34 14.03
N PHE A 248 6.55 -7.66 12.95
CA PHE A 248 5.12 -7.49 12.62
C PHE A 248 4.81 -8.33 11.40
N LEU A 249 4.03 -9.37 11.58
CA LEU A 249 3.49 -10.17 10.49
C LEU A 249 2.26 -9.45 9.98
N LEU A 250 2.32 -9.00 8.70
CA LEU A 250 1.36 -8.01 8.23
C LEU A 250 0.13 -8.66 7.59
N ALA A 251 0.29 -9.27 6.43
CA ALA A 251 -0.82 -9.77 5.64
C ALA A 251 -0.30 -10.61 4.47
N PRO A 252 -1.16 -11.29 3.71
CA PRO A 252 -0.64 -12.16 2.64
C PRO A 252 0.12 -11.37 1.58
N LYS A 253 0.96 -12.10 0.85
CA LYS A 253 1.77 -11.47 -0.20
C LYS A 253 0.89 -10.75 -1.22
N ASP A 254 -0.27 -11.34 -1.58
CA ASP A 254 -1.17 -10.66 -2.52
C ASP A 254 -1.97 -9.53 -1.86
N ASP A 255 -1.71 -9.21 -0.60
CA ASP A 255 -2.30 -8.11 0.14
C ASP A 255 -3.81 -8.26 0.41
N THR A 256 -4.40 -9.39 0.09
CA THR A 256 -5.82 -9.57 0.33
C THR A 256 -6.09 -10.19 1.68
N VAL A 257 -7.00 -9.57 2.44
CA VAL A 257 -7.46 -10.07 3.72
C VAL A 257 -8.86 -10.65 3.57
N SER A 258 -8.99 -11.97 3.78
CA SER A 258 -10.27 -12.65 3.70
C SER A 258 -10.26 -13.90 4.56
N ALA A 259 -11.20 -14.02 5.48
CA ALA A 259 -11.25 -15.20 6.31
C ALA A 259 -11.31 -16.44 5.44
N PRO A 260 -10.64 -17.53 5.85
CA PRO A 260 -10.79 -18.80 5.14
C PRO A 260 -12.17 -19.41 5.30
N GLY A 261 -12.56 -20.23 4.31
CA GLY A 261 -13.90 -20.82 4.33
C GLY A 261 -14.27 -21.45 5.66
N GLU A 262 -13.36 -22.26 6.23
CA GLU A 262 -13.73 -23.09 7.36
C GLU A 262 -14.05 -22.28 8.62
N LEU A 263 -13.80 -20.98 8.61
CA LEU A 263 -14.06 -20.18 9.79
C LEU A 263 -15.45 -19.56 9.78
N VAL A 264 -16.18 -19.65 8.66
CA VAL A 264 -17.55 -19.16 8.55
C VAL A 264 -18.50 -20.29 8.91
N ASP A 265 -19.29 -20.09 9.98
CA ASP A 265 -20.04 -21.16 10.61
C ASP A 265 -21.46 -21.26 10.07
N GLY A 266 -22.33 -20.39 10.57
CA GLY A 266 -23.76 -20.61 10.57
C GLY A 266 -24.26 -20.13 11.91
N GLU A 267 -23.40 -20.25 12.92
CA GLU A 267 -23.54 -19.58 14.20
C GLU A 267 -22.54 -18.45 14.38
N HIS A 268 -21.53 -18.34 13.50
CA HIS A 268 -20.67 -17.15 13.38
C HIS A 268 -20.54 -16.79 11.91
N PRO A 269 -21.53 -16.09 11.33
CA PRO A 269 -21.47 -15.77 9.90
C PRO A 269 -20.28 -14.87 9.56
N ARG A 270 -20.00 -14.77 8.27
CA ARG A 270 -18.87 -13.97 7.80
C ARG A 270 -18.96 -12.50 8.20
N ARG A 271 -17.95 -12.02 8.93
CA ARG A 271 -18.01 -10.74 9.59
C ARG A 271 -17.57 -9.56 8.72
N TYR A 272 -16.54 -9.73 7.89
CA TYR A 272 -15.93 -8.61 7.20
C TYR A 272 -15.91 -8.87 5.72
N ARG A 273 -16.09 -7.81 4.94
CA ARG A 273 -15.88 -7.97 3.51
C ARG A 273 -14.41 -8.23 3.28
N GLU A 274 -14.09 -8.84 2.14
CA GLU A 274 -12.70 -8.95 1.74
C GLU A 274 -12.14 -7.54 1.56
N PHE A 275 -10.88 -7.33 1.96
CA PHE A 275 -10.24 -6.06 1.72
C PHE A 275 -8.72 -6.21 1.50
N LYS A 276 -8.13 -5.15 0.96
CA LYS A 276 -6.70 -5.06 0.75
C LYS A 276 -6.05 -4.40 1.96
N TYR A 277 -5.01 -5.04 2.48
CA TYR A 277 -4.36 -4.57 3.70
C TYR A 277 -3.90 -3.11 3.57
N ASP A 278 -3.22 -2.80 2.44
CA ASP A 278 -2.75 -1.45 2.18
C ASP A 278 -3.87 -0.41 2.19
N ASP A 279 -5.04 -0.76 1.65
CA ASP A 279 -6.20 0.11 1.76
C ASP A 279 -6.67 0.25 3.22
N TYR A 280 -6.67 -0.84 3.97
CA TYR A 280 -7.06 -0.72 5.38
C TYR A 280 -6.13 0.23 6.13
N ARG A 281 -4.83 0.09 5.90
CA ARG A 281 -3.85 1.00 6.49
C ARG A 281 -4.15 2.45 6.16
N ARG A 282 -4.43 2.75 4.87
N ARG A 282 -4.47 2.75 4.90
CA ARG A 282 -4.89 4.08 4.52
CA ARG A 282 -4.87 4.12 4.60
C ARG A 282 -6.14 4.48 5.31
C ARG A 282 -6.17 4.49 5.30
N LEU A 283 -7.08 3.53 5.48
CA LEU A 283 -8.31 3.85 6.22
C LEU A 283 -8.00 4.26 7.66
N ARG A 284 -7.08 3.55 8.33
CA ARG A 284 -6.72 3.97 9.68
C ARG A 284 -6.13 5.35 9.64
N LEU A 285 -5.30 5.61 8.63
CA LEU A 285 -4.62 6.89 8.50
C LEU A 285 -5.61 8.03 8.32
N SER A 286 -6.57 7.87 7.42
CA SER A 286 -7.46 9.00 7.14
C SER A 286 -8.50 9.22 8.24
N THR A 287 -8.94 8.16 8.94
CA THR A 287 -9.93 8.31 10.00
C THR A 287 -9.33 8.66 11.36
N GLY A 288 -8.05 8.35 11.57
CA GLY A 288 -7.49 8.38 12.91
C GLY A 288 -7.92 7.25 13.81
N GLU A 289 -8.65 6.26 13.30
CA GLU A 289 -9.12 5.11 14.09
C GLU A 289 -8.00 4.06 14.14
N ARG A 290 -7.21 4.07 15.21
CA ARG A 290 -6.03 3.22 15.30
C ARG A 290 -6.14 2.15 16.38
N ALA A 291 -7.36 1.93 16.86
CA ALA A 291 -7.64 0.93 17.88
C ALA A 291 -8.68 -0.08 17.41
N GLY A 292 -8.73 -0.33 16.11
CA GLY A 292 -9.63 -1.31 15.54
C GLY A 292 -10.98 -0.79 15.13
N GLU A 293 -11.34 0.44 15.49
CA GLU A 293 -12.67 0.95 15.17
C GLU A 293 -12.92 0.90 13.68
N ALA A 294 -11.91 1.18 12.85
CA ALA A 294 -12.12 1.25 11.42
C ALA A 294 -12.55 -0.08 10.82
N LEU A 295 -12.36 -1.19 11.52
CA LEU A 295 -12.85 -2.46 11.00
C LEU A 295 -14.36 -2.47 10.92
N ALA A 296 -15.03 -1.69 11.78
CA ALA A 296 -16.50 -1.68 11.76
C ALA A 296 -16.97 -1.15 10.43
N ARG A 297 -16.19 -0.29 9.81
CA ARG A 297 -16.55 0.21 8.51
C ARG A 297 -16.39 -0.83 7.43
N LEU A 298 -15.84 -1.99 7.75
CA LEU A 298 -15.62 -3.06 6.79
C LEU A 298 -16.53 -4.28 7.02
N ALA A 299 -17.55 -4.17 7.87
CA ALA A 299 -18.44 -5.30 8.13
C ALA A 299 -19.16 -5.74 6.84
N ALA A 300 -19.56 -7.00 6.82
CA ALA A 300 -20.02 -7.63 5.59
C ALA A 300 -21.48 -7.28 5.24
N GLU B 3 -4.16 22.75 -28.38
CA GLU B 3 -2.72 22.91 -28.56
C GLU B 3 -1.93 21.80 -27.85
N ILE B 4 -2.56 20.66 -27.60
CA ILE B 4 -1.91 19.52 -26.97
C ILE B 4 -1.29 18.67 -28.07
N PRO B 5 0.01 18.39 -28.04
CA PRO B 5 0.62 17.65 -29.14
C PRO B 5 -0.08 16.32 -29.31
N ALA B 6 -0.15 15.88 -30.57
CA ALA B 6 -0.71 14.58 -30.96
C ALA B 6 0.43 13.70 -31.46
N ILE B 7 0.51 12.49 -30.93
CA ILE B 7 1.58 11.54 -31.22
C ILE B 7 0.98 10.31 -31.88
N ASP B 8 1.52 9.92 -33.02
CA ASP B 8 1.06 8.71 -33.69
C ASP B 8 1.97 7.54 -33.29
N LEU B 9 1.39 6.57 -32.58
CA LEU B 9 2.16 5.53 -31.92
C LEU B 9 2.70 4.53 -32.92
N ARG B 10 1.98 4.30 -34.04
CA ARG B 10 2.53 3.42 -35.07
C ARG B 10 3.77 4.07 -35.68
N LEU B 11 3.73 5.39 -35.86
CA LEU B 11 4.86 6.10 -36.45
C LEU B 11 6.07 6.09 -35.51
N ALA B 12 5.89 6.53 -34.25
CA ALA B 12 6.99 6.60 -33.28
C ALA B 12 7.74 5.28 -33.18
N GLY B 13 9.07 5.38 -33.06
CA GLY B 13 9.91 4.21 -32.96
C GLY B 13 11.10 4.77 -33.71
N GLY B 14 11.88 4.03 -34.34
CA GLY B 14 13.07 4.51 -35.03
C GLY B 14 13.11 5.00 -36.46
N GLY B 15 14.23 5.60 -36.84
CA GLY B 15 14.40 6.13 -38.18
C GLY B 15 13.27 7.05 -38.59
N GLY B 16 12.41 6.57 -39.48
CA GLY B 16 11.28 7.36 -39.96
C GLY B 16 10.40 7.86 -38.84
N GLY B 17 10.41 7.22 -37.69
CA GLY B 17 9.70 7.65 -36.51
C GLY B 17 10.57 8.36 -35.50
N ALA B 18 11.81 8.73 -35.85
CA ALA B 18 12.70 9.39 -34.91
C ALA B 18 12.18 10.77 -34.56
N GLU B 19 11.63 11.48 -35.54
CA GLU B 19 11.07 12.78 -35.27
C GLU B 19 9.85 12.67 -34.36
N GLU B 20 9.05 11.60 -34.51
CA GLU B 20 7.83 11.47 -33.71
C GLU B 20 8.18 11.12 -32.27
N THR B 21 9.20 10.28 -32.08
CA THR B 21 9.67 9.93 -30.75
C THR B 21 10.19 11.17 -30.01
N ALA B 22 10.89 12.04 -30.71
CA ALA B 22 11.36 13.26 -30.09
C ALA B 22 10.20 14.19 -29.80
N ARG B 23 9.16 14.18 -30.63
CA ARG B 23 7.97 14.96 -30.29
C ARG B 23 7.33 14.41 -29.02
N LEU B 24 7.31 13.09 -28.88
CA LEU B 24 6.77 12.45 -27.68
C LEU B 24 7.52 12.91 -26.44
N ARG B 25 8.87 12.86 -26.48
CA ARG B 25 9.64 13.21 -25.29
C ARG B 25 9.43 14.68 -24.96
N ASP B 26 9.39 15.51 -25.99
CA ASP B 26 9.23 16.93 -25.78
C ASP B 26 7.88 17.25 -25.16
N ALA B 27 6.83 16.55 -25.58
CA ALA B 27 5.52 16.75 -24.96
C ALA B 27 5.53 16.33 -23.51
N CYS B 28 6.14 15.18 -23.21
CA CYS B 28 6.23 14.72 -21.83
C CYS B 28 7.07 15.66 -20.96
N ALA B 29 8.15 16.21 -21.51
CA ALA B 29 9.05 17.01 -20.71
C ALA B 29 8.49 18.41 -20.45
N ARG B 30 7.83 18.99 -21.44
CA ARG B 30 7.41 20.36 -21.32
C ARG B 30 5.99 20.48 -20.83
N LEU B 31 5.09 19.56 -21.22
CA LEU B 31 3.67 19.62 -20.86
C LEU B 31 3.22 18.49 -19.94
N GLY B 32 3.79 17.29 -20.06
CA GLY B 32 3.27 16.16 -19.30
C GLY B 32 1.98 15.59 -19.82
N CYS B 33 1.57 15.93 -21.04
CA CYS B 33 0.25 15.61 -21.57
C CYS B 33 0.35 15.56 -23.08
N PHE B 34 -0.28 14.58 -23.69
CA PHE B 34 -0.31 14.46 -25.14
C PHE B 34 -1.47 13.56 -25.54
N ARG B 35 -1.88 13.70 -26.80
CA ARG B 35 -2.87 12.81 -27.40
C ARG B 35 -2.17 11.66 -28.13
N VAL B 36 -2.82 10.48 -28.16
CA VAL B 36 -2.29 9.36 -28.97
C VAL B 36 -3.31 8.95 -30.01
N SER B 37 -2.85 8.89 -31.26
CA SER B 37 -3.54 8.20 -32.34
C SER B 37 -2.71 6.96 -32.68
N GLY B 38 -3.19 6.21 -33.67
CA GLY B 38 -2.47 5.04 -34.12
C GLY B 38 -2.33 3.98 -33.05
N HIS B 39 -3.28 3.94 -32.12
CA HIS B 39 -3.21 3.10 -30.94
C HIS B 39 -3.80 1.72 -31.17
N GLY B 40 -4.50 1.52 -32.27
CA GLY B 40 -4.96 0.20 -32.64
C GLY B 40 -6.20 -0.31 -31.92
N VAL B 41 -6.81 0.47 -31.04
CA VAL B 41 -8.08 0.07 -30.43
C VAL B 41 -9.15 0.23 -31.52
N PRO B 42 -9.82 -0.83 -31.91
CA PRO B 42 -10.69 -0.76 -33.09
C PRO B 42 -11.92 0.10 -32.81
N PRO B 43 -12.45 0.79 -33.83
CA PRO B 43 -13.63 1.64 -33.62
C PRO B 43 -14.88 0.92 -33.15
N GLY B 44 -15.09 -0.30 -33.62
CA GLY B 44 -16.22 -1.05 -33.17
C GLY B 44 -16.18 -1.28 -31.68
N LEU B 45 -15.00 -1.67 -31.17
CA LEU B 45 -14.86 -1.90 -29.73
C LEU B 45 -15.07 -0.60 -28.95
N GLN B 46 -14.53 0.51 -29.44
CA GLN B 46 -14.76 1.77 -28.74
C GLN B 46 -16.25 2.09 -28.69
N ALA B 47 -16.97 1.81 -29.76
CA ALA B 47 -18.41 2.09 -29.77
C ALA B 47 -19.15 1.17 -28.80
N GLU B 48 -18.79 -0.08 -28.79
CA GLU B 48 -19.46 -1.02 -27.89
C GLU B 48 -19.18 -0.66 -26.42
N MET B 49 -17.98 -0.17 -26.13
CA MET B 49 -17.63 0.20 -24.77
C MET B 49 -18.37 1.46 -24.33
N LYS B 50 -18.51 2.44 -25.22
CA LYS B 50 -19.26 3.64 -24.86
C LYS B 50 -20.68 3.28 -24.40
N ALA B 51 -21.32 2.35 -25.12
CA ALA B 51 -22.65 1.88 -24.75
C ALA B 51 -22.63 1.09 -23.44
N ALA B 52 -21.67 0.18 -23.29
CA ALA B 52 -21.60 -0.64 -22.09
C ALA B 52 -21.39 0.22 -20.85
N VAL B 53 -20.48 1.20 -20.91
CA VAL B 53 -20.25 2.04 -19.75
C VAL B 53 -21.50 2.84 -19.39
N ARG B 54 -22.20 3.33 -20.41
CA ARG B 54 -23.47 4.02 -20.14
C ARG B 54 -24.52 3.08 -19.59
N ALA B 55 -24.52 1.82 -20.04
CA ALA B 55 -25.43 0.82 -19.47
C ALA B 55 -25.11 0.55 -18.00
N LEU B 56 -23.83 0.45 -17.66
CA LEU B 56 -23.44 0.25 -16.28
C LEU B 56 -23.93 1.39 -15.42
N PHE B 57 -23.69 2.63 -15.86
CA PHE B 57 -24.08 3.76 -15.01
C PHE B 57 -25.59 3.98 -15.02
N ASP B 58 -26.29 3.44 -16.02
CA ASP B 58 -27.76 3.51 -16.02
C ASP B 58 -28.41 2.40 -15.22
N LEU B 59 -27.63 1.53 -14.60
CA LEU B 59 -28.21 0.46 -13.80
C LEU B 59 -29.01 1.04 -12.63
N PRO B 60 -30.02 0.31 -12.14
CA PRO B 60 -30.69 0.74 -10.90
C PRO B 60 -29.73 0.73 -9.73
N ASP B 61 -30.09 1.51 -8.70
CA ASP B 61 -29.19 1.71 -7.56
C ASP B 61 -28.87 0.39 -6.87
N ASP B 62 -29.82 -0.54 -6.82
CA ASP B 62 -29.51 -1.81 -6.17
C ASP B 62 -28.49 -2.62 -6.99
N ALA B 63 -28.59 -2.62 -8.32
CA ALA B 63 -27.56 -3.34 -9.09
C ALA B 63 -26.19 -2.70 -8.88
N LYS B 64 -26.12 -1.37 -8.80
CA LYS B 64 -24.85 -0.70 -8.55
C LYS B 64 -24.27 -1.08 -7.18
N ARG B 65 -25.11 -1.19 -6.16
CA ARG B 65 -24.61 -1.60 -4.85
C ARG B 65 -24.15 -3.06 -4.86
N ARG B 66 -24.87 -3.92 -5.57
CA ARG B 66 -24.35 -5.28 -5.71
C ARG B 66 -23.00 -5.34 -6.42
N ASN B 67 -22.59 -4.25 -7.06
CA ASN B 67 -21.29 -4.19 -7.72
C ASN B 67 -20.22 -3.55 -6.86
N ALA B 68 -20.52 -3.23 -5.62
CA ALA B 68 -19.50 -2.72 -4.71
C ALA B 68 -18.74 -3.86 -4.08
N ASP B 69 -17.41 -3.75 -4.06
CA ASP B 69 -16.55 -4.72 -3.40
C ASP B 69 -16.62 -6.10 -4.04
N ILE B 70 -16.77 -6.17 -5.37
CA ILE B 70 -16.95 -7.49 -5.98
C ILE B 70 -15.63 -8.24 -5.99
N ILE B 71 -14.51 -7.53 -6.06
CA ILE B 71 -13.21 -8.10 -5.66
C ILE B 71 -12.55 -7.14 -4.68
N PRO B 72 -11.64 -7.62 -3.88
CA PRO B 72 -11.20 -6.83 -2.73
C PRO B 72 -10.74 -5.45 -3.15
N GLY B 73 -11.39 -4.42 -2.61
CA GLY B 73 -11.05 -3.04 -2.91
C GLY B 73 -11.62 -2.48 -4.20
N SER B 74 -12.33 -3.25 -5.00
CA SER B 74 -12.71 -2.80 -6.33
C SER B 74 -14.20 -3.04 -6.55
N GLY B 75 -14.77 -2.24 -7.45
CA GLY B 75 -16.20 -2.30 -7.72
C GLY B 75 -16.78 -0.92 -7.82
N TYR B 76 -18.09 -0.84 -7.68
CA TYR B 76 -18.77 0.43 -7.74
C TYR B 76 -18.48 1.29 -6.50
N VAL B 77 -18.46 2.61 -6.70
CA VAL B 77 -18.25 3.58 -5.64
C VAL B 77 -19.31 4.66 -5.80
N PRO B 78 -20.21 4.85 -4.85
CA PRO B 78 -21.28 5.83 -5.02
C PRO B 78 -20.79 7.24 -4.74
N PRO B 79 -21.60 8.24 -5.05
CA PRO B 79 -21.32 9.64 -4.69
C PRO B 79 -21.59 9.92 -3.21
N PRO B 84 -19.76 14.02 -4.65
CA PRO B 84 -21.17 14.42 -4.68
C PRO B 84 -21.84 14.10 -6.00
N LEU B 85 -21.28 14.59 -7.10
CA LEU B 85 -21.82 14.36 -8.39
C LEU B 85 -21.07 13.20 -9.11
N TYR B 86 -20.10 12.60 -8.44
CA TYR B 86 -19.17 11.63 -9.01
C TYR B 86 -19.53 10.23 -8.56
N GLU B 87 -19.57 9.30 -9.52
CA GLU B 87 -19.69 7.88 -9.23
C GLU B 87 -18.79 7.13 -10.21
N ALA B 88 -18.44 5.91 -9.85
CA ALA B 88 -17.43 5.23 -10.66
C ALA B 88 -17.43 3.74 -10.38
N PHE B 89 -16.78 3.03 -11.30
CA PHE B 89 -16.42 1.62 -11.16
C PHE B 89 -14.92 1.55 -11.31
N GLY B 90 -14.24 0.97 -10.32
CA GLY B 90 -12.80 0.83 -10.35
C GLY B 90 -12.37 -0.61 -10.22
N LEU B 91 -11.25 -0.93 -10.85
CA LEU B 91 -10.69 -2.27 -10.92
C LEU B 91 -9.20 -2.18 -10.69
N CYS B 92 -8.77 -2.76 -9.59
CA CYS B 92 -7.36 -3.01 -9.22
C CYS B 92 -7.25 -4.49 -8.85
N ASP B 93 -6.29 -5.24 -9.41
CA ASP B 93 -5.18 -4.80 -10.27
C ASP B 93 -5.47 -5.10 -11.74
N ALA B 94 -5.65 -4.05 -12.56
CA ALA B 94 -6.07 -4.23 -13.93
C ALA B 94 -4.98 -4.79 -14.84
N ALA B 95 -3.75 -4.91 -14.34
CA ALA B 95 -2.70 -5.59 -15.08
C ALA B 95 -2.63 -7.06 -14.75
N ALA B 96 -3.43 -7.50 -13.77
CA ALA B 96 -3.45 -8.88 -13.29
C ALA B 96 -4.61 -9.62 -13.92
N PRO B 97 -4.35 -10.60 -14.79
CA PRO B 97 -5.45 -11.28 -15.47
C PRO B 97 -6.47 -11.88 -14.52
N ALA B 98 -6.02 -12.39 -13.38
CA ALA B 98 -6.94 -13.05 -12.46
C ALA B 98 -7.96 -12.07 -11.87
N ASP B 99 -7.51 -10.82 -11.59
CA ASP B 99 -8.37 -9.78 -11.06
C ASP B 99 -9.37 -9.28 -12.11
N VAL B 100 -8.88 -9.11 -13.34
CA VAL B 100 -9.75 -8.66 -14.42
C VAL B 100 -10.81 -9.71 -14.71
N ASP B 101 -10.41 -10.98 -14.76
CA ASP B 101 -11.38 -12.05 -14.99
C ASP B 101 -12.46 -12.05 -13.90
N ALA B 102 -12.06 -11.99 -12.63
CA ALA B 102 -13.03 -12.12 -11.54
C ALA B 102 -13.92 -10.89 -11.43
N PHE B 103 -13.36 -9.72 -11.65
CA PHE B 103 -14.16 -8.49 -11.68
C PHE B 103 -15.28 -8.61 -12.71
N CYS B 104 -14.93 -8.95 -13.96
CA CYS B 104 -15.95 -9.00 -15.02
C CYS B 104 -16.90 -10.16 -14.82
N ALA B 105 -16.43 -11.25 -14.24
CA ALA B 105 -17.32 -12.39 -13.98
C ALA B 105 -18.34 -12.05 -12.91
N ARG B 106 -17.98 -11.14 -11.99
CA ARG B 106 -18.79 -10.81 -10.84
C ARG B 106 -19.63 -9.56 -10.99
N LEU B 107 -19.45 -8.80 -12.05
CA LEU B 107 -20.31 -7.66 -12.28
C LEU B 107 -21.75 -8.10 -12.45
N ASP B 108 -22.64 -7.39 -11.79
CA ASP B 108 -24.07 -7.60 -12.01
C ASP B 108 -24.49 -6.79 -13.25
N ALA B 109 -24.48 -7.42 -14.39
CA ALA B 109 -24.77 -6.76 -15.64
C ALA B 109 -25.01 -7.83 -16.68
N PRO B 110 -25.52 -7.49 -17.86
CA PRO B 110 -25.74 -8.50 -18.88
C PRO B 110 -24.39 -9.07 -19.37
N PRO B 111 -24.37 -10.34 -19.78
CA PRO B 111 -23.12 -10.91 -20.28
C PRO B 111 -22.40 -10.03 -21.31
N HIS B 112 -23.11 -9.40 -22.25
CA HIS B 112 -22.40 -8.70 -23.31
C HIS B 112 -21.68 -7.46 -22.74
N VAL B 113 -22.25 -6.84 -21.71
CA VAL B 113 -21.58 -5.73 -21.04
C VAL B 113 -20.30 -6.21 -20.38
N ARG B 114 -20.38 -7.33 -19.62
CA ARG B 114 -19.21 -7.88 -18.94
C ARG B 114 -18.08 -8.20 -19.92
N GLU B 115 -18.41 -8.83 -21.03
CA GLU B 115 -17.41 -9.18 -22.02
C GLU B 115 -16.76 -7.94 -22.62
N THR B 116 -17.56 -6.89 -22.89
CA THR B 116 -17.05 -5.68 -23.51
C THR B 116 -16.09 -4.97 -22.56
N VAL B 117 -16.48 -4.88 -21.29
CA VAL B 117 -15.64 -4.27 -20.29
C VAL B 117 -14.33 -5.04 -20.17
N LYS B 118 -14.42 -6.37 -20.18
CA LYS B 118 -13.22 -7.18 -20.09
C LYS B 118 -12.29 -6.89 -21.25
N ALA B 119 -12.83 -6.88 -22.48
CA ALA B 119 -11.98 -6.66 -23.64
C ALA B 119 -11.34 -5.29 -23.61
N TYR B 120 -12.13 -4.28 -23.27
CA TYR B 120 -11.65 -2.95 -23.14
C TYR B 120 -10.53 -2.83 -22.09
N ALA B 121 -10.74 -3.35 -20.91
CA ALA B 121 -9.71 -3.25 -19.86
C ALA B 121 -8.41 -3.87 -20.34
N GLU B 122 -8.52 -5.05 -20.94
CA GLU B 122 -7.35 -5.73 -21.47
C GLU B 122 -6.66 -4.90 -22.55
N ARG B 123 -7.46 -4.32 -23.49
CA ARG B 123 -6.87 -3.54 -24.57
C ARG B 123 -6.23 -2.26 -24.05
N MET B 124 -6.87 -1.62 -23.09
CA MET B 124 -6.29 -0.43 -22.49
C MET B 124 -5.00 -0.77 -21.74
N HIS B 125 -4.93 -1.95 -21.14
CA HIS B 125 -3.69 -2.33 -20.48
C HIS B 125 -2.55 -2.43 -21.50
N SER B 126 -2.78 -3.14 -22.62
CA SER B 126 -1.77 -3.26 -23.66
C SER B 126 -1.36 -1.88 -24.18
N LEU B 127 -2.33 -0.97 -24.31
CA LEU B 127 -2.03 0.36 -24.79
C LEU B 127 -1.09 1.08 -23.83
N ILE B 128 -1.38 1.06 -22.54
CA ILE B 128 -0.59 1.89 -21.62
C ILE B 128 0.80 1.29 -21.47
N VAL B 129 0.93 -0.03 -21.59
CA VAL B 129 2.24 -0.65 -21.60
C VAL B 129 3.04 -0.21 -22.83
N ASP B 130 2.39 -0.22 -24.00
CA ASP B 130 3.03 0.23 -25.24
C ASP B 130 3.44 1.69 -25.15
N VAL B 131 2.56 2.54 -24.66
CA VAL B 131 2.91 3.93 -24.45
C VAL B 131 4.09 4.06 -23.47
N ALA B 132 4.02 3.38 -22.32
CA ALA B 132 5.15 3.46 -21.39
C ALA B 132 6.47 3.07 -22.06
N GLY B 133 6.47 1.97 -22.81
CA GLY B 133 7.69 1.53 -23.49
C GLY B 133 8.25 2.57 -24.44
N LYS B 134 7.36 3.25 -25.19
CA LYS B 134 7.81 4.28 -26.12
C LYS B 134 8.34 5.49 -25.38
N VAL B 135 7.71 5.87 -24.27
CA VAL B 135 8.25 6.97 -23.44
C VAL B 135 9.66 6.60 -22.94
N ALA B 136 9.80 5.40 -22.38
CA ALA B 136 11.13 4.93 -21.95
C ALA B 136 12.16 4.93 -23.08
N ALA B 137 11.76 4.52 -24.29
CA ALA B 137 12.70 4.54 -25.40
C ALA B 137 13.07 5.97 -25.79
N SER B 138 12.16 6.92 -25.64
CA SER B 138 12.49 8.30 -25.96
C SER B 138 13.57 8.88 -25.03
N LEU B 139 13.83 8.25 -23.90
CA LEU B 139 14.89 8.63 -22.99
C LEU B 139 16.10 7.74 -23.12
N GLY B 140 16.21 7.04 -24.26
CA GLY B 140 17.31 6.11 -24.52
C GLY B 140 17.27 4.84 -23.70
N LEU B 141 16.13 4.51 -23.12
CA LEU B 141 16.00 3.35 -22.25
C LEU B 141 15.35 2.22 -23.02
N HIS B 142 16.01 1.07 -23.07
CA HIS B 142 15.43 -0.14 -23.64
C HIS B 142 15.58 -1.26 -22.63
N GLY B 143 14.94 -2.38 -22.88
CA GLY B 143 14.88 -3.47 -21.95
C GLY B 143 13.79 -3.33 -20.89
N ALA B 144 13.37 -2.10 -20.58
CA ALA B 144 12.33 -1.89 -19.59
C ALA B 144 11.08 -2.66 -19.96
N SER B 145 10.54 -3.40 -19.00
CA SER B 145 9.24 -4.07 -19.14
C SER B 145 8.28 -3.47 -18.12
N PHE B 146 7.17 -2.95 -18.63
CA PHE B 146 6.08 -2.41 -17.81
C PHE B 146 4.90 -3.37 -17.72
N GLN B 147 4.99 -4.52 -18.41
CA GLN B 147 3.86 -5.43 -18.51
C GLN B 147 3.25 -5.79 -17.15
N ASP B 148 4.04 -5.84 -16.07
CA ASP B 148 3.50 -6.37 -14.83
C ASP B 148 3.35 -5.30 -13.74
N TRP B 149 3.59 -4.03 -14.09
CA TRP B 149 3.33 -2.96 -13.15
C TRP B 149 1.84 -2.96 -12.80
N PRO B 150 1.48 -2.87 -11.52
CA PRO B 150 0.08 -2.69 -11.15
C PRO B 150 -0.59 -1.51 -11.85
N CYS B 151 -1.87 -1.70 -12.18
CA CYS B 151 -2.68 -0.71 -12.87
C CYS B 151 -4.04 -0.60 -12.21
N GLN B 152 -4.64 0.59 -12.30
CA GLN B 152 -6.05 0.77 -11.94
C GLN B 152 -6.85 1.20 -13.17
N PHE B 153 -7.96 0.53 -13.39
CA PHE B 153 -8.88 0.82 -14.48
C PHE B 153 -10.09 1.47 -13.85
N ARG B 154 -10.50 2.62 -14.37
CA ARG B 154 -11.65 3.33 -13.79
C ARG B 154 -12.64 3.75 -14.89
N MET B 155 -13.91 3.56 -14.60
CA MET B 155 -15.02 4.07 -15.39
C MET B 155 -15.70 5.10 -14.52
N ASN B 156 -15.88 6.31 -15.07
CA ASN B 156 -16.33 7.43 -14.26
C ASN B 156 -17.61 8.05 -14.85
N ARG B 157 -18.45 8.58 -13.97
CA ARG B 157 -19.57 9.42 -14.39
C ARG B 157 -19.70 10.60 -13.46
N TYR B 158 -19.73 11.81 -14.03
CA TYR B 158 -19.98 13.05 -13.28
C TYR B 158 -21.39 13.50 -13.64
N ASN B 159 -22.27 13.53 -12.65
CA ASN B 159 -23.70 13.78 -12.88
C ASN B 159 -23.98 15.27 -12.84
N TYR B 160 -23.62 15.92 -13.93
CA TYR B 160 -23.84 17.34 -14.10
C TYR B 160 -25.32 17.65 -14.30
N THR B 161 -25.69 18.87 -13.93
CA THR B 161 -27.03 19.40 -14.11
C THR B 161 -26.90 20.86 -14.53
N GLN B 162 -28.05 21.52 -14.74
CA GLN B 162 -27.99 22.93 -15.09
C GLN B 162 -27.25 23.74 -14.02
N ASP B 163 -27.38 23.33 -12.75
CA ASP B 163 -26.75 24.06 -11.66
C ASP B 163 -25.23 23.83 -11.58
N SER B 164 -24.71 22.80 -12.26
CA SER B 164 -23.29 22.48 -12.21
C SER B 164 -22.48 23.31 -13.18
N VAL B 165 -23.11 23.84 -14.24
CA VAL B 165 -22.37 24.47 -15.31
C VAL B 165 -21.57 25.66 -14.79
N GLY B 166 -20.30 25.72 -15.20
CA GLY B 166 -19.37 26.73 -14.76
C GLY B 166 -18.63 26.39 -13.47
N SER B 167 -18.87 25.26 -12.90
CA SER B 167 -18.28 24.78 -11.66
C SER B 167 -17.17 23.76 -11.95
N PRO B 168 -16.14 23.65 -11.12
CA PRO B 168 -15.18 22.54 -11.30
C PRO B 168 -15.84 21.18 -11.12
N GLY B 169 -15.58 20.29 -12.08
CA GLY B 169 -15.98 18.89 -11.94
C GLY B 169 -15.03 18.08 -11.07
N VAL B 170 -13.73 18.36 -11.18
CA VAL B 170 -12.72 17.78 -10.29
C VAL B 170 -11.66 18.85 -10.09
N GLN B 171 -11.17 18.99 -8.84
CA GLN B 171 -10.23 20.02 -8.47
C GLN B 171 -8.83 19.73 -9.02
N VAL B 172 -7.90 20.69 -8.84
CA VAL B 172 -6.59 20.59 -9.45
C VAL B 172 -5.71 19.59 -8.71
N HIS B 173 -5.15 18.64 -9.45
CA HIS B 173 -4.30 17.64 -8.85
C HIS B 173 -3.41 17.04 -9.93
N THR B 174 -2.44 16.25 -9.50
CA THR B 174 -1.66 15.39 -10.35
C THR B 174 -2.12 13.97 -10.04
N ASP B 175 -1.91 13.06 -10.98
CA ASP B 175 -2.01 11.65 -10.68
C ASP B 175 -0.75 11.23 -9.94
N SER B 176 -0.90 10.35 -8.93
CA SER B 176 0.25 9.93 -8.14
C SER B 176 1.15 8.98 -8.94
N GLY B 177 0.57 8.27 -9.90
CA GLY B 177 1.23 7.19 -10.60
C GLY B 177 2.14 7.63 -11.73
N PHE B 178 2.48 6.66 -12.58
CA PHE B 178 3.47 6.86 -13.65
C PHE B 178 2.87 7.56 -14.86
N LEU B 179 1.89 6.91 -15.51
CA LEU B 179 1.22 7.41 -16.70
C LEU B 179 -0.26 7.05 -16.61
N THR B 180 -1.10 7.88 -17.21
CA THR B 180 -2.52 7.64 -17.27
C THR B 180 -3.02 7.79 -18.69
N VAL B 181 -3.82 6.81 -19.17
CA VAL B 181 -4.44 6.91 -20.48
C VAL B 181 -5.93 7.13 -20.25
N LEU B 182 -6.47 8.19 -20.85
CA LEU B 182 -7.85 8.61 -20.63
C LEU B 182 -8.61 8.56 -21.96
N GLN B 183 -9.87 8.14 -21.89
CA GLN B 183 -10.82 8.27 -22.99
C GLN B 183 -11.98 9.15 -22.52
N GLU B 184 -12.00 10.39 -23.00
CA GLU B 184 -12.95 11.40 -22.52
C GLU B 184 -14.25 11.29 -23.30
N ASP B 185 -15.30 11.82 -22.70
CA ASP B 185 -16.59 11.87 -23.38
C ASP B 185 -16.49 12.74 -24.61
N GLU B 186 -16.85 12.20 -25.78
CA GLU B 186 -16.78 12.98 -27.02
C GLU B 186 -17.63 14.24 -26.93
N CYS B 187 -18.75 14.17 -26.23
CA CYS B 187 -19.70 15.29 -26.22
C CYS B 187 -19.42 16.29 -25.12
N VAL B 188 -18.93 15.85 -23.97
CA VAL B 188 -18.74 16.68 -22.80
C VAL B 188 -17.24 16.72 -22.55
N GLY B 189 -16.64 17.88 -22.78
CA GLY B 189 -15.24 18.03 -22.49
C GLY B 189 -15.03 18.36 -21.02
N GLY B 190 -14.27 19.42 -20.77
CA GLY B 190 -14.04 19.88 -19.41
C GLY B 190 -12.63 19.66 -18.91
N LEU B 191 -11.89 18.69 -19.45
CA LEU B 191 -10.54 18.45 -18.97
C LEU B 191 -9.66 19.64 -19.33
N GLU B 192 -8.87 20.10 -18.37
CA GLU B 192 -7.96 21.20 -18.58
C GLU B 192 -6.64 20.82 -17.92
N VAL B 193 -5.56 21.19 -18.56
CA VAL B 193 -4.21 20.95 -18.02
C VAL B 193 -3.48 22.28 -17.88
N LEU B 194 -2.65 22.35 -16.85
CA LEU B 194 -1.80 23.51 -16.61
C LEU B 194 -0.58 23.41 -17.51
N ASP B 195 -0.65 24.13 -18.65
CA ASP B 195 0.40 24.11 -19.64
C ASP B 195 1.60 24.87 -19.09
N PRO B 196 2.74 24.21 -18.87
CA PRO B 196 3.91 24.95 -18.36
C PRO B 196 4.21 26.23 -19.09
N ALA B 197 4.18 26.21 -20.42
CA ALA B 197 4.57 27.41 -21.17
C ALA B 197 3.61 28.58 -21.04
N ALA B 198 2.42 28.35 -20.58
CA ALA B 198 1.33 29.32 -20.63
C ALA B 198 0.99 30.01 -19.31
N GLY B 199 1.02 29.22 -18.23
CA GLY B 199 0.76 29.74 -16.94
C GLY B 199 -0.74 29.75 -16.59
N GLU B 200 -1.56 29.12 -17.39
CA GLU B 200 -2.98 29.18 -17.27
C GLU B 200 -3.41 27.77 -17.67
N PHE B 201 -4.58 27.37 -17.26
CA PHE B 201 -5.13 26.08 -17.68
C PHE B 201 -5.66 26.20 -19.09
N VAL B 202 -5.40 25.17 -19.90
CA VAL B 202 -5.86 25.12 -21.28
C VAL B 202 -6.72 23.88 -21.47
N PRO B 203 -7.82 23.96 -22.21
CA PRO B 203 -8.70 22.81 -22.32
C PRO B 203 -8.06 21.72 -23.17
N VAL B 204 -8.36 20.48 -22.81
CA VAL B 204 -8.02 19.36 -23.67
C VAL B 204 -9.37 18.95 -24.26
N ASP B 205 -9.75 19.61 -25.35
CA ASP B 205 -11.04 19.34 -25.96
C ASP B 205 -11.06 17.92 -26.49
N PRO B 206 -12.16 17.19 -26.29
CA PRO B 206 -12.20 15.80 -26.76
C PRO B 206 -12.02 15.72 -28.27
N LEU B 207 -11.34 14.66 -28.72
CA LEU B 207 -11.15 14.38 -30.14
C LEU B 207 -11.46 12.91 -30.39
N PRO B 208 -12.55 12.59 -31.10
CA PRO B 208 -13.09 11.22 -31.04
C PRO B 208 -12.09 10.17 -31.50
N GLY B 209 -12.17 9.00 -30.87
CA GLY B 209 -11.27 7.90 -31.20
C GLY B 209 -9.82 8.08 -30.79
N SER B 210 -9.45 9.21 -30.18
CA SER B 210 -8.10 9.42 -29.67
C SER B 210 -8.14 9.35 -28.15
N PHE B 211 -6.97 9.09 -27.57
CA PHE B 211 -6.77 9.00 -26.13
C PHE B 211 -5.86 10.15 -25.70
N VAL B 212 -6.02 10.59 -24.46
CA VAL B 212 -5.10 11.53 -23.81
C VAL B 212 -4.22 10.76 -22.85
N VAL B 213 -2.92 11.07 -22.86
CA VAL B 213 -1.96 10.51 -21.92
C VAL B 213 -1.46 11.62 -20.99
N ASN B 214 -1.49 11.36 -19.69
CA ASN B 214 -0.94 12.29 -18.70
C ASN B 214 0.16 11.62 -17.90
N VAL B 215 1.24 12.37 -17.66
CA VAL B 215 2.33 11.92 -16.80
C VAL B 215 2.00 12.27 -15.37
N GLY B 216 2.24 11.34 -14.44
CA GLY B 216 1.99 11.54 -13.05
C GLY B 216 3.27 11.66 -12.22
N ASP B 217 3.08 11.70 -10.90
CA ASP B 217 4.18 12.03 -9.99
C ASP B 217 5.28 11.00 -10.09
N VAL B 218 4.92 9.70 -10.09
CA VAL B 218 5.92 8.65 -10.28
C VAL B 218 6.65 8.78 -11.62
N GLY B 219 5.98 9.28 -12.66
CA GLY B 219 6.68 9.56 -13.90
C GLY B 219 7.80 10.57 -13.71
N GLN B 220 7.50 11.67 -12.96
CA GLN B 220 8.49 12.71 -12.69
C GLN B 220 9.66 12.15 -11.88
N ALA B 221 9.37 11.27 -10.91
CA ALA B 221 10.43 10.75 -10.06
C ALA B 221 11.24 9.67 -10.77
N TRP B 222 10.59 8.72 -11.42
CA TRP B 222 11.29 7.69 -12.17
C TRP B 222 12.14 8.28 -13.28
N SER B 223 11.73 9.41 -13.86
CA SER B 223 12.46 9.97 -14.99
C SER B 223 13.57 10.92 -14.52
N ASN B 224 13.80 10.98 -13.22
CA ASN B 224 14.73 11.90 -12.60
C ASN B 224 14.45 13.34 -12.94
N GLY B 225 13.18 13.71 -12.96
CA GLY B 225 12.80 15.07 -13.26
C GLY B 225 12.59 15.40 -14.71
N ARG B 226 12.80 14.46 -15.62
CA ARG B 226 12.75 14.76 -17.04
C ARG B 226 11.34 14.76 -17.62
N LEU B 227 10.40 14.12 -17.00
CA LEU B 227 9.02 14.10 -17.50
C LEU B 227 8.14 14.84 -16.49
N HIS B 228 7.33 15.76 -16.99
CA HIS B 228 6.57 16.67 -16.16
C HIS B 228 5.29 16.00 -15.67
N ASN B 229 5.08 16.02 -14.35
CA ASN B 229 3.84 15.53 -13.77
C ASN B 229 2.79 16.65 -13.87
N VAL B 230 1.81 16.45 -14.75
CA VAL B 230 0.98 17.55 -15.21
C VAL B 230 -0.15 17.80 -14.23
N LYS B 231 -0.37 19.05 -13.87
CA LYS B 231 -1.52 19.43 -13.08
C LYS B 231 -2.72 19.53 -14.00
N HIS B 232 -3.85 18.95 -13.54
CA HIS B 232 -5.05 18.95 -14.34
C HIS B 232 -6.29 19.03 -13.47
N ARG B 233 -7.37 19.46 -14.11
CA ARG B 233 -8.66 19.57 -13.47
C ARG B 233 -9.72 19.33 -14.54
N VAL B 234 -10.98 19.35 -14.13
CA VAL B 234 -12.10 19.19 -15.05
C VAL B 234 -13.17 20.22 -14.69
N GLN B 235 -13.36 21.22 -15.56
CA GLN B 235 -14.48 22.13 -15.41
C GLN B 235 -15.77 21.50 -15.95
N CYS B 236 -16.87 21.77 -15.28
CA CYS B 236 -18.18 21.41 -15.81
C CYS B 236 -18.55 22.42 -16.90
N VAL B 237 -18.70 21.91 -18.12
CA VAL B 237 -18.90 22.78 -19.26
C VAL B 237 -20.27 22.57 -19.88
N ALA B 238 -21.06 21.64 -19.37
CA ALA B 238 -22.38 21.39 -19.93
C ALA B 238 -23.26 20.77 -18.88
N ALA B 239 -24.58 20.82 -19.12
CA ALA B 239 -25.56 20.33 -18.16
C ALA B 239 -25.93 18.88 -18.38
N VAL B 240 -25.03 18.08 -18.95
CA VAL B 240 -25.29 16.65 -19.14
C VAL B 240 -24.17 15.82 -18.49
N PRO B 241 -24.45 14.60 -18.06
CA PRO B 241 -23.41 13.78 -17.43
C PRO B 241 -22.19 13.59 -18.34
N ARG B 242 -21.01 13.63 -17.74
CA ARG B 242 -19.76 13.35 -18.45
C ARG B 242 -19.22 11.98 -18.05
N VAL B 243 -19.04 11.11 -19.05
CA VAL B 243 -18.56 9.76 -18.82
C VAL B 243 -17.14 9.62 -19.39
N SER B 244 -16.28 9.00 -18.59
CA SER B 244 -14.91 8.83 -19.02
C SER B 244 -14.40 7.49 -18.56
N ILE B 245 -13.31 7.07 -19.19
CA ILE B 245 -12.64 5.82 -18.90
C ILE B 245 -11.16 6.15 -18.76
N ALA B 246 -10.53 5.56 -17.75
CA ALA B 246 -9.10 5.81 -17.53
C ALA B 246 -8.38 4.55 -17.10
N MET B 247 -7.13 4.43 -17.53
CA MET B 247 -6.25 3.36 -17.11
C MET B 247 -5.01 4.01 -16.51
N PHE B 248 -4.75 3.71 -15.24
CA PHE B 248 -3.63 4.29 -14.49
C PHE B 248 -2.53 3.24 -14.34
N LEU B 249 -1.40 3.50 -14.98
CA LEU B 249 -0.18 2.72 -14.76
C LEU B 249 0.52 3.30 -13.54
N LEU B 250 0.66 2.48 -12.50
CA LEU B 250 1.00 2.99 -11.18
C LEU B 250 2.50 2.99 -10.88
N ALA B 251 3.10 1.82 -10.69
CA ALA B 251 4.49 1.73 -10.27
C ALA B 251 4.99 0.31 -10.45
N PRO B 252 6.27 0.02 -10.23
CA PRO B 252 6.73 -1.35 -10.47
C PRO B 252 6.07 -2.32 -9.52
N LYS B 253 6.12 -3.60 -9.88
CA LYS B 253 5.50 -4.66 -9.07
C LYS B 253 6.09 -4.74 -7.67
N ASP B 254 7.39 -4.55 -7.53
CA ASP B 254 8.01 -4.50 -6.18
C ASP B 254 7.74 -3.17 -5.47
N ASP B 255 6.94 -2.30 -6.06
CA ASP B 255 6.49 -1.04 -5.50
C ASP B 255 7.58 0.00 -5.30
N THR B 256 8.79 -0.23 -5.79
CA THR B 256 9.85 0.74 -5.56
C THR B 256 10.00 1.72 -6.72
N VAL B 257 10.02 3.01 -6.39
CA VAL B 257 10.23 4.07 -7.37
C VAL B 257 11.67 4.53 -7.29
N SER B 258 12.46 4.24 -8.33
CA SER B 258 13.84 4.69 -8.40
C SER B 258 14.25 4.95 -9.84
N ALA B 259 14.74 6.15 -10.11
CA ALA B 259 15.13 6.51 -11.45
C ALA B 259 16.21 5.57 -11.96
N PRO B 260 16.20 5.23 -13.25
CA PRO B 260 17.32 4.47 -13.82
C PRO B 260 18.60 5.29 -13.89
N GLY B 261 19.74 4.61 -13.77
CA GLY B 261 21.03 5.27 -13.91
C GLY B 261 21.20 6.27 -15.04
N GLU B 262 20.73 5.96 -16.25
CA GLU B 262 21.12 6.76 -17.41
C GLU B 262 20.41 8.11 -17.48
N LEU B 263 19.49 8.39 -16.56
CA LEU B 263 18.81 9.69 -16.55
C LEU B 263 19.42 10.68 -15.56
N VAL B 264 20.42 10.26 -14.76
CA VAL B 264 21.17 11.14 -13.88
C VAL B 264 22.56 11.33 -14.45
N ASP B 265 22.90 12.59 -14.76
CA ASP B 265 24.19 12.93 -15.35
C ASP B 265 24.79 14.12 -14.60
N GLY B 266 25.97 14.57 -15.05
CA GLY B 266 26.59 15.72 -14.42
C GLY B 266 25.67 16.92 -14.33
N GLU B 267 24.85 17.14 -15.36
CA GLU B 267 23.95 18.28 -15.43
C GLU B 267 22.56 18.03 -14.85
N HIS B 268 22.16 16.78 -14.70
CA HIS B 268 20.89 16.42 -14.06
C HIS B 268 21.20 15.37 -12.99
N PRO B 269 21.58 15.81 -11.78
CA PRO B 269 21.89 14.84 -10.71
C PRO B 269 20.61 14.29 -10.08
N ARG B 270 20.77 13.16 -9.42
CA ARG B 270 19.65 12.41 -8.86
C ARG B 270 18.76 13.25 -7.95
N ARG B 271 17.49 13.38 -8.34
CA ARG B 271 16.57 14.35 -7.76
C ARG B 271 15.86 13.83 -6.51
N TYR B 272 15.49 12.56 -6.49
CA TYR B 272 14.62 12.03 -5.45
C TYR B 272 15.25 10.80 -4.84
N ARG B 273 15.05 10.65 -3.54
CA ARG B 273 15.43 9.39 -2.92
C ARG B 273 14.50 8.29 -3.44
N GLU B 274 14.97 7.05 -3.37
CA GLU B 274 14.12 5.90 -3.65
C GLU B 274 12.98 5.87 -2.62
N PHE B 275 11.77 5.49 -3.08
CA PHE B 275 10.63 5.39 -2.21
C PHE B 275 9.68 4.31 -2.71
N LYS B 276 8.84 3.83 -1.76
CA LYS B 276 7.76 2.90 -2.07
C LYS B 276 6.54 3.70 -2.49
N TYR B 277 5.95 3.31 -3.62
CA TYR B 277 4.78 4.01 -4.15
C TYR B 277 3.65 4.07 -3.12
N ASP B 278 3.39 2.94 -2.47
CA ASP B 278 2.41 2.88 -1.40
C ASP B 278 2.66 3.99 -0.37
N ASP B 279 3.90 4.10 0.09
CA ASP B 279 4.25 5.14 1.06
C ASP B 279 4.01 6.54 0.49
N TYR B 280 4.27 6.74 -0.80
CA TYR B 280 4.04 8.05 -1.38
C TYR B 280 2.55 8.37 -1.39
N ARG B 281 1.70 7.37 -1.70
CA ARG B 281 0.25 7.59 -1.61
C ARG B 281 -0.20 7.99 -0.20
N ARG B 282 0.31 7.28 0.81
N ARG B 282 0.27 7.42 0.90
CA ARG B 282 0.06 7.67 2.20
CA ARG B 282 -0.15 7.88 2.23
C ARG B 282 0.41 9.13 2.42
C ARG B 282 0.47 9.23 2.57
N LEU B 283 1.62 9.52 1.97
CA LEU B 283 2.10 10.88 2.18
C LEU B 283 1.19 11.91 1.53
N ARG B 284 0.69 11.64 0.32
CA ARG B 284 -0.30 12.54 -0.29
C ARG B 284 -1.56 12.61 0.58
N LEU B 285 -2.04 11.44 1.02
CA LEU B 285 -3.27 11.38 1.82
C LEU B 285 -3.12 12.11 3.15
N SER B 286 -1.95 12.02 3.79
CA SER B 286 -1.83 12.65 5.10
C SER B 286 -1.47 14.14 5.03
N THR B 287 -0.71 14.58 4.00
CA THR B 287 -0.41 16.01 3.85
C THR B 287 -1.49 16.77 3.10
N GLY B 288 -2.39 16.08 2.39
CA GLY B 288 -3.30 16.70 1.45
C GLY B 288 -2.62 17.30 0.23
N GLU B 289 -1.37 16.98 -0.01
CA GLU B 289 -0.63 17.55 -1.15
C GLU B 289 -0.85 16.60 -2.31
N ARG B 290 -1.77 16.96 -3.21
CA ARG B 290 -2.16 16.06 -4.29
C ARG B 290 -1.76 16.56 -5.69
N ALA B 291 -1.04 17.67 -5.74
CA ALA B 291 -0.60 18.22 -7.02
C ALA B 291 0.90 18.11 -7.17
N GLY B 292 1.52 17.12 -6.56
CA GLY B 292 2.95 16.91 -6.68
C GLY B 292 3.80 17.61 -5.65
N GLU B 293 3.22 18.49 -4.82
CA GLU B 293 4.03 19.20 -3.82
C GLU B 293 4.73 18.21 -2.92
N ALA B 294 4.08 17.08 -2.60
CA ALA B 294 4.68 16.13 -1.67
C ALA B 294 5.96 15.52 -2.20
N LEU B 295 6.21 15.55 -3.52
CA LEU B 295 7.48 15.01 -3.97
C LEU B 295 8.67 15.80 -3.43
N ALA B 296 8.47 17.08 -3.10
CA ALA B 296 9.59 17.85 -2.57
C ALA B 296 10.02 17.32 -1.22
N ARG B 297 9.15 16.61 -0.51
CA ARG B 297 9.58 16.01 0.74
C ARG B 297 10.48 14.80 0.51
N LEU B 298 10.67 14.38 -0.75
CA LEU B 298 11.44 13.19 -1.08
C LEU B 298 12.76 13.52 -1.80
N ALA B 299 13.22 14.77 -1.70
CA ALA B 299 14.49 15.15 -2.31
C ALA B 299 15.65 14.29 -1.81
N ALA B 300 16.63 14.09 -2.67
CA ALA B 300 17.73 13.19 -2.39
C ALA B 300 18.64 13.68 -1.25
#